data_7HBK
#
_entry.id   7HBK
#
_cell.length_a   67.560
_cell.length_b   91.140
_cell.length_c   99.010
_cell.angle_alpha   90.000
_cell.angle_beta   90.000
_cell.angle_gamma   90.000
#
_symmetry.space_group_name_H-M   'I 2 2 2'
#
loop_
_entity.id
_entity.type
_entity.pdbx_description
1 polymer 'Heat shock protein HSP 90-alpha'
2 non-polymer 6-(2,3-dimethylphenoxy)pyridin-3-amine
3 water water
#
_entity_poly.entity_id   1
_entity_poly.type   'polypeptide(L)'
_entity_poly.pdbx_seq_one_letter_code
;MDQPMEEEEVETFAFQAEIAQLMSLIINTFYSNKEIFLRELISNSSDALDKIRYESLTDPSKLDSGKELHINLIPNKQDR
TLTIVDTGIGMTKADLINNLGTIAKSGTKAFMEALQAGADISMIGQFGVGFYSAYLVAEKVTVITKHNDDEQYAWESSAG
GSFTVRTDTGEPMGRGTKVILHLKEDQTEYLEERRIKEIVKKHSQFIGYPITLFVEKERDKEVSDDEAELEHHHHHH
;
_entity_poly.pdbx_strand_id   A
#
loop_
_chem_comp.id
_chem_comp.type
_chem_comp.name
_chem_comp.formula
A1AYG non-polymer 6-(2,3-dimethylphenoxy)pyridin-3-amine 'C13 H14 N2 O'
#
# COMPACT_ATOMS: atom_id res chain seq x y z
N GLU A 9 -16.01 11.82 -12.95
CA GLU A 9 -15.24 13.01 -12.56
C GLU A 9 -13.92 12.64 -11.85
N VAL A 10 -12.81 13.01 -12.47
CA VAL A 10 -11.48 12.61 -12.01
C VAL A 10 -10.66 13.86 -11.72
N GLU A 11 -10.17 13.97 -10.49
CA GLU A 11 -9.28 15.06 -10.11
C GLU A 11 -7.82 14.60 -10.22
N THR A 12 -6.97 15.43 -10.82
CA THR A 12 -5.55 15.14 -10.96
C THR A 12 -4.76 16.12 -10.09
N PHE A 13 -3.81 15.58 -9.32
CA PHE A 13 -2.98 16.34 -8.41
C PHE A 13 -1.50 16.09 -8.71
N ALA A 14 -0.69 17.09 -8.41
CA ALA A 14 0.76 16.95 -8.44
C ALA A 14 1.27 16.49 -7.08
N PHE A 15 2.11 15.47 -7.06
CA PHE A 15 2.87 15.16 -5.85
C PHE A 15 3.69 16.38 -5.47
N GLN A 16 3.90 16.56 -4.17
CA GLN A 16 4.97 17.44 -3.74
C GLN A 16 6.30 17.03 -4.37
N ALA A 17 7.16 18.01 -4.61
CA ALA A 17 8.43 17.75 -5.30
C ALA A 17 9.24 16.65 -4.61
N GLU A 18 9.29 16.66 -3.28
CA GLU A 18 10.13 15.70 -2.57
C GLU A 18 9.65 14.27 -2.78
N ILE A 19 8.33 14.06 -2.82
CA ILE A 19 7.80 12.71 -3.01
C ILE A 19 8.02 12.25 -4.44
N ALA A 20 7.84 13.14 -5.42
CA ALA A 20 8.16 12.79 -6.79
C ALA A 20 9.62 12.38 -6.93
N GLN A 21 10.51 13.07 -6.20
CA GLN A 21 11.92 12.70 -6.21
C GLN A 21 12.14 11.31 -5.65
N LEU A 22 11.44 10.95 -4.57
CA LEU A 22 11.61 9.63 -3.98
C LEU A 22 11.10 8.54 -4.91
N MET A 23 9.90 8.74 -5.48
CA MET A 23 9.37 7.76 -6.42
C MET A 23 10.30 7.57 -7.61
N SER A 24 10.84 8.65 -8.15
CA SER A 24 11.74 8.50 -9.29
C SER A 24 13.03 7.77 -8.87
N LEU A 25 13.52 8.04 -7.66
CA LEU A 25 14.69 7.31 -7.17
C LEU A 25 14.41 5.82 -7.05
N ILE A 26 13.24 5.46 -6.51
CA ILE A 26 12.88 4.05 -6.35
C ILE A 26 12.72 3.35 -7.71
N ILE A 27 12.21 4.05 -8.73
CA ILE A 27 12.00 3.41 -10.03
C ILE A 27 13.31 3.27 -10.81
N ASN A 28 14.23 4.22 -10.67
CA ASN A 28 15.43 4.24 -11.50
C ASN A 28 16.65 3.60 -10.85
N THR A 29 16.69 3.47 -9.53
CA THR A 29 17.89 2.96 -8.87
C THR A 29 18.00 1.45 -9.06
N PHE A 30 19.23 0.99 -9.32
CA PHE A 30 19.44 -0.45 -9.46
C PHE A 30 19.46 -1.09 -8.08
N TYR A 31 18.47 -1.94 -7.80
CA TYR A 31 18.31 -2.55 -6.48
C TYR A 31 17.59 -3.87 -6.64
N SER A 32 18.28 -4.97 -6.38
CA SER A 32 17.78 -6.30 -6.72
C SER A 32 16.78 -6.84 -5.71
N ASN A 33 16.85 -6.39 -4.46
CA ASN A 33 16.07 -6.97 -3.36
C ASN A 33 14.66 -6.34 -3.33
N LYS A 34 13.93 -6.56 -4.43
CA LYS A 34 12.62 -5.93 -4.61
C LYS A 34 11.53 -6.54 -3.74
N GLU A 35 11.73 -7.76 -3.23
CA GLU A 35 10.67 -8.46 -2.51
C GLU A 35 10.22 -7.74 -1.25
N ILE A 36 11.01 -6.79 -0.73
CA ILE A 36 10.63 -6.08 0.48
C ILE A 36 9.37 -5.24 0.30
N PHE A 37 8.89 -5.05 -0.94
CA PHE A 37 7.64 -4.31 -1.12
C PHE A 37 6.51 -4.98 -0.35
N LEU A 38 6.46 -6.32 -0.36
CA LEU A 38 5.34 -7.02 0.27
C LEU A 38 5.38 -6.87 1.79
N ARG A 39 6.58 -6.88 2.37
CA ARG A 39 6.70 -6.65 3.81
C ARG A 39 6.18 -5.27 4.18
N GLU A 40 6.45 -4.27 3.35
CA GLU A 40 6.05 -2.91 3.69
C GLU A 40 4.54 -2.72 3.56
N LEU A 41 3.93 -3.31 2.54
CA LEU A 41 2.49 -3.16 2.37
C LEU A 41 1.73 -3.95 3.42
N ILE A 42 2.20 -5.16 3.75
CA ILE A 42 1.57 -5.93 4.82
C ILE A 42 1.70 -5.19 6.15
N SER A 43 2.88 -4.62 6.41
CA SER A 43 3.07 -3.83 7.63
C SER A 43 2.11 -2.64 7.67
N ASN A 44 1.89 -1.98 6.52
CA ASN A 44 0.93 -0.89 6.45
C ASN A 44 -0.48 -1.37 6.75
N SER A 45 -0.85 -2.55 6.24
CA SER A 45 -2.16 -3.12 6.51
C SER A 45 -2.33 -3.43 7.99
N SER A 46 -1.28 -3.98 8.62
CA SER A 46 -1.34 -4.34 10.03
C SER A 46 -1.50 -3.11 10.91
N ASP A 47 -0.85 -2.00 10.54
CA ASP A 47 -1.05 -0.75 11.29
C ASP A 47 -2.48 -0.25 11.15
N ALA A 48 -3.07 -0.35 9.96
CA ALA A 48 -4.43 0.11 9.74
C ALA A 48 -5.43 -0.73 10.54
N LEU A 49 -5.16 -2.03 10.67
CA LEU A 49 -6.02 -2.90 11.44
C LEU A 49 -5.88 -2.65 12.94
N ASP A 50 -4.66 -2.38 13.41
CA ASP A 50 -4.49 -1.99 14.80
C ASP A 50 -5.33 -0.76 15.12
N LYS A 51 -5.38 0.21 14.20
CA LYS A 51 -6.08 1.47 14.47
C LYS A 51 -7.58 1.25 14.63
N ILE A 52 -8.20 0.52 13.72
CA ILE A 52 -9.64 0.30 13.84
C ILE A 52 -9.95 -0.61 15.03
N ARG A 53 -9.04 -1.54 15.35
CA ARG A 53 -9.27 -2.38 16.53
C ARG A 53 -9.25 -1.57 17.81
N TYR A 54 -8.28 -0.66 17.96
CA TYR A 54 -8.22 0.18 19.14
C TYR A 54 -9.47 1.06 19.25
N GLU A 55 -9.82 1.76 18.16
CA GLU A 55 -10.96 2.66 18.17
C GLU A 55 -12.24 1.94 18.58
N SER A 56 -12.38 0.67 18.17
CA SER A 56 -13.58 -0.10 18.50
C SER A 56 -13.61 -0.54 19.97
N LEU A 57 -12.49 -0.49 20.68
CA LEU A 57 -12.53 -0.82 22.11
C LEU A 57 -13.39 0.18 22.88
N THR A 58 -13.39 1.45 22.47
CA THR A 58 -14.21 2.45 23.15
C THR A 58 -15.47 2.82 22.37
N ASP A 59 -15.72 2.19 21.24
CA ASP A 59 -16.84 2.51 20.36
C ASP A 59 -17.15 1.31 19.46
N PRO A 60 -17.87 0.32 19.97
CA PRO A 60 -18.05 -0.94 19.21
C PRO A 60 -18.77 -0.76 17.87
N SER A 61 -19.51 0.34 17.67
CA SER A 61 -20.24 0.54 16.43
C SER A 61 -19.32 0.84 15.24
N LYS A 62 -18.04 1.13 15.47
CA LYS A 62 -17.11 1.32 14.37
C LYS A 62 -16.85 0.03 13.60
N LEU A 63 -17.25 -1.12 14.12
CA LEU A 63 -17.13 -2.39 13.42
C LEU A 63 -18.42 -2.79 12.71
N ASP A 64 -19.43 -1.90 12.68
CA ASP A 64 -20.64 -2.17 11.92
C ASP A 64 -20.36 -2.36 10.44
N SER A 65 -19.37 -1.66 9.91
CA SER A 65 -18.95 -1.81 8.53
C SER A 65 -18.07 -3.04 8.28
N GLY A 66 -18.00 -3.97 9.23
CA GLY A 66 -17.21 -5.17 9.08
C GLY A 66 -16.50 -5.60 10.35
N LYS A 67 -16.88 -6.76 10.89
CA LYS A 67 -16.26 -7.26 12.11
C LYS A 67 -14.89 -7.88 11.85
N GLU A 68 -14.69 -8.51 10.70
CA GLU A 68 -13.47 -9.26 10.46
C GLU A 68 -12.27 -8.34 10.27
N LEU A 69 -11.14 -8.73 10.87
CA LEU A 69 -9.89 -8.01 10.74
C LEU A 69 -8.87 -8.98 10.14
N HIS A 70 -8.56 -8.80 8.85
CA HIS A 70 -7.71 -9.74 8.14
C HIS A 70 -7.01 -9.06 6.97
N ILE A 71 -6.11 -9.82 6.34
CA ILE A 71 -5.37 -9.40 5.15
C ILE A 71 -5.48 -10.50 4.11
N ASN A 72 -5.79 -10.13 2.88
CA ASN A 72 -5.89 -11.07 1.77
C ASN A 72 -4.89 -10.67 0.69
N LEU A 73 -4.17 -11.65 0.15
CA LEU A 73 -3.25 -11.45 -0.96
C LEU A 73 -3.82 -12.18 -2.18
N ILE A 74 -4.07 -11.44 -3.26
CA ILE A 74 -4.80 -11.96 -4.40
C ILE A 74 -3.96 -11.75 -5.66
N PRO A 75 -3.32 -12.80 -6.17
CA PRO A 75 -2.65 -12.68 -7.48
C PRO A 75 -3.60 -12.95 -8.64
N ASN A 76 -3.39 -12.22 -9.73
CA ASN A 76 -4.21 -12.37 -10.94
C ASN A 76 -3.30 -12.31 -12.16
N LYS A 77 -3.04 -13.46 -12.77
CA LYS A 77 -2.13 -13.51 -13.91
C LYS A 77 -2.75 -12.89 -15.16
N GLN A 78 -4.07 -12.97 -15.31
CA GLN A 78 -4.71 -12.43 -16.51
C GLN A 78 -4.59 -10.92 -16.56
N ASP A 79 -4.79 -10.25 -15.42
CA ASP A 79 -4.61 -8.80 -15.32
C ASP A 79 -3.19 -8.41 -14.95
N ARG A 80 -2.34 -9.37 -14.61
CA ARG A 80 -0.99 -9.11 -14.09
C ARG A 80 -1.04 -8.16 -12.89
N THR A 81 -1.88 -8.50 -11.92
CA THR A 81 -2.04 -7.67 -10.73
C THR A 81 -1.84 -8.50 -9.48
N LEU A 82 -1.27 -7.88 -8.47
CA LEU A 82 -1.24 -8.41 -7.12
C LEU A 82 -1.96 -7.41 -6.22
N THR A 83 -2.98 -7.89 -5.51
CA THR A 83 -3.81 -7.04 -4.68
C THR A 83 -3.59 -7.41 -3.22
N ILE A 84 -3.33 -6.40 -2.39
CA ILE A 84 -3.24 -6.55 -0.94
C ILE A 84 -4.47 -5.88 -0.35
N VAL A 85 -5.38 -6.66 0.23
CA VAL A 85 -6.61 -6.17 0.83
C VAL A 85 -6.51 -6.31 2.34
N ASP A 86 -6.85 -5.25 3.07
CA ASP A 86 -7.03 -5.29 4.52
C ASP A 86 -8.39 -4.70 4.86
N THR A 87 -8.93 -5.09 6.02
CA THR A 87 -10.16 -4.49 6.55
C THR A 87 -9.85 -3.50 7.66
N GLY A 88 -8.79 -2.72 7.51
CA GLY A 88 -8.38 -1.79 8.53
C GLY A 88 -9.25 -0.55 8.54
N ILE A 89 -8.69 0.53 9.10
CA ILE A 89 -9.47 1.74 9.30
C ILE A 89 -9.74 2.48 8.00
N GLY A 90 -9.00 2.20 6.93
CA GLY A 90 -9.22 2.88 5.66
C GLY A 90 -8.74 4.32 5.70
N MET A 91 -8.96 5.02 4.60
CA MET A 91 -8.43 6.36 4.41
C MET A 91 -9.50 7.31 3.89
N THR A 92 -9.50 8.53 4.43
CA THR A 92 -10.44 9.56 3.99
C THR A 92 -9.89 10.28 2.75
N LYS A 93 -10.74 11.12 2.16
CA LYS A 93 -10.28 11.94 1.03
C LYS A 93 -9.17 12.90 1.46
N ALA A 94 -9.25 13.43 2.67
CA ALA A 94 -8.19 14.32 3.16
C ALA A 94 -6.87 13.57 3.28
N ASP A 95 -6.90 12.30 3.71
CA ASP A 95 -5.68 11.51 3.76
C ASP A 95 -5.02 11.42 2.39
N LEU A 96 -5.80 11.08 1.36
CA LEU A 96 -5.28 10.86 0.01
C LEU A 96 -4.77 12.14 -0.65
N ILE A 97 -5.24 13.31 -0.23
CA ILE A 97 -4.84 14.57 -0.83
C ILE A 97 -3.83 15.33 0.03
N ASN A 98 -4.00 15.35 1.35
CA ASN A 98 -3.17 16.17 2.23
C ASN A 98 -2.38 15.37 3.26
N ASN A 99 -3.03 14.53 4.06
CA ASN A 99 -2.41 14.06 5.30
C ASN A 99 -1.25 13.13 5.03
N LEU A 100 -1.44 12.14 4.14
CA LEU A 100 -0.37 11.19 3.85
C LEU A 100 0.83 11.87 3.24
N GLY A 101 0.60 12.87 2.37
CA GLY A 101 1.72 13.57 1.77
C GLY A 101 2.46 14.47 2.75
N THR A 102 1.75 15.00 3.75
CA THR A 102 2.39 15.81 4.78
C THR A 102 3.38 14.98 5.58
N ILE A 103 2.98 13.79 6.03
CA ILE A 103 3.91 12.96 6.79
C ILE A 103 4.99 12.36 5.88
N ALA A 104 4.65 12.07 4.62
CA ALA A 104 5.64 11.52 3.71
C ALA A 104 6.72 12.53 3.36
N LYS A 105 6.46 13.83 3.51
CA LYS A 105 7.45 14.84 3.17
C LYS A 105 8.67 14.76 4.08
N SER A 106 8.45 14.72 5.41
CA SER A 106 9.58 14.65 6.33
C SER A 106 10.20 13.25 6.37
N GLY A 107 9.40 12.21 6.13
CA GLY A 107 9.98 10.87 6.08
C GLY A 107 10.87 10.69 4.87
N THR A 108 10.49 11.29 3.74
CA THR A 108 11.30 11.23 2.53
C THR A 108 12.63 11.95 2.71
N LYS A 109 12.60 13.14 3.32
CA LYS A 109 13.84 13.89 3.57
C LYS A 109 14.77 13.10 4.49
N ALA A 110 14.23 12.45 5.52
CA ALA A 110 15.09 11.67 6.38
C ALA A 110 15.61 10.43 5.65
N PHE A 111 14.76 9.78 4.86
CA PHE A 111 15.17 8.58 4.13
C PHE A 111 16.29 8.91 3.14
N MET A 112 16.15 10.00 2.39
CA MET A 112 17.16 10.33 1.39
C MET A 112 18.46 10.79 2.03
N GLU A 113 18.41 11.43 3.21
CA GLU A 113 19.65 11.75 3.90
C GLU A 113 20.37 10.49 4.36
N ALA A 114 19.60 9.47 4.79
CA ALA A 114 20.21 8.22 5.22
C ALA A 114 20.83 7.46 4.05
N LEU A 115 20.19 7.52 2.88
CA LEU A 115 20.72 6.83 1.70
C LEU A 115 22.11 7.34 1.32
N GLN A 116 22.31 8.66 1.39
CA GLN A 116 23.63 9.21 1.10
C GLN A 116 24.64 8.90 2.19
N ALA A 117 24.19 8.60 3.40
CA ALA A 117 25.07 8.23 4.49
C ALA A 117 25.41 6.76 4.51
N GLY A 118 24.88 5.97 3.57
CA GLY A 118 25.20 4.55 3.48
C GLY A 118 24.01 3.61 3.62
N ALA A 119 22.84 4.07 4.05
CA ALA A 119 21.70 3.18 4.19
C ALA A 119 21.27 2.69 2.81
N ASP A 120 20.35 1.72 2.80
CA ASP A 120 19.87 1.14 1.56
C ASP A 120 18.35 1.13 1.54
N ILE A 121 17.81 0.78 0.36
CA ILE A 121 16.38 0.95 0.12
C ILE A 121 15.55 0.07 1.05
N SER A 122 16.08 -1.07 1.48
CA SER A 122 15.31 -1.99 2.32
C SER A 122 14.93 -1.41 3.68
N MET A 123 15.52 -0.27 4.08
CA MET A 123 15.21 0.35 5.36
C MET A 123 14.15 1.44 5.22
N ILE A 124 13.43 1.48 4.09
CA ILE A 124 12.48 2.56 3.80
C ILE A 124 11.36 2.62 4.85
N GLY A 125 10.95 1.47 5.39
CA GLY A 125 9.88 1.46 6.39
C GLY A 125 10.22 2.18 7.68
N GLN A 126 11.52 2.22 8.04
CA GLN A 126 11.95 2.93 9.24
C GLN A 126 11.71 4.43 9.15
N PHE A 127 11.32 4.94 8.00
CA PHE A 127 11.09 6.37 7.83
C PHE A 127 9.64 6.69 7.54
N GLY A 128 8.77 5.69 7.63
CA GLY A 128 7.34 5.89 7.44
C GLY A 128 6.87 6.02 6.00
N VAL A 129 7.72 5.72 5.02
CA VAL A 129 7.34 5.90 3.62
C VAL A 129 7.46 4.59 2.87
N GLY A 130 7.16 3.47 3.54
CA GLY A 130 7.31 2.16 2.95
C GLY A 130 6.37 1.90 1.78
N PHE A 131 5.24 2.62 1.72
CA PHE A 131 4.29 2.39 0.63
C PHE A 131 4.94 2.57 -0.74
N TYR A 132 5.83 3.55 -0.87
CA TYR A 132 6.41 3.83 -2.18
C TYR A 132 7.30 2.71 -2.71
N SER A 133 7.67 1.74 -1.86
CA SER A 133 8.42 0.60 -2.37
C SER A 133 7.60 -0.25 -3.33
N ALA A 134 6.28 -0.03 -3.39
CA ALA A 134 5.46 -0.71 -4.39
C ALA A 134 5.94 -0.45 -5.81
N TYR A 135 6.62 0.68 -6.04
CA TYR A 135 7.11 1.00 -7.38
C TYR A 135 8.45 0.33 -7.70
N LEU A 136 8.94 -0.54 -6.81
CA LEU A 136 10.00 -1.45 -7.21
C LEU A 136 9.48 -2.47 -8.21
N VAL A 137 8.22 -2.86 -8.08
CA VAL A 137 7.64 -3.96 -8.86
C VAL A 137 6.45 -3.54 -9.70
N ALA A 138 5.82 -2.40 -9.41
CA ALA A 138 4.60 -1.97 -10.09
C ALA A 138 4.87 -0.79 -11.01
N GLU A 139 4.32 -0.83 -12.21
CA GLU A 139 4.36 0.34 -13.08
C GLU A 139 3.21 1.30 -12.82
N LYS A 140 2.19 0.85 -12.08
CA LYS A 140 1.04 1.68 -11.71
C LYS A 140 0.41 1.06 -10.48
N VAL A 141 -0.06 1.91 -9.57
CA VAL A 141 -0.66 1.45 -8.32
C VAL A 141 -2.02 2.10 -8.18
N THR A 142 -3.04 1.28 -7.96
CA THR A 142 -4.41 1.72 -7.69
C THR A 142 -4.76 1.37 -6.24
N VAL A 143 -5.34 2.32 -5.52
CA VAL A 143 -5.73 2.10 -4.12
C VAL A 143 -7.21 2.41 -3.97
N ILE A 144 -7.99 1.41 -3.59
CA ILE A 144 -9.40 1.58 -3.23
C ILE A 144 -9.49 1.57 -1.72
N THR A 145 -10.13 2.58 -1.14
CA THR A 145 -10.18 2.68 0.31
C THR A 145 -11.52 3.23 0.75
N LYS A 146 -11.94 2.84 1.95
CA LYS A 146 -13.22 3.25 2.52
C LYS A 146 -13.05 3.39 4.03
N HIS A 147 -13.13 4.63 4.51
CA HIS A 147 -13.12 4.98 5.92
C HIS A 147 -14.55 5.19 6.40
N ASN A 148 -14.79 4.90 7.68
CA ASN A 148 -16.15 4.96 8.25
C ASN A 148 -16.78 6.34 8.08
N ASP A 149 -15.97 7.40 8.01
CA ASP A 149 -16.44 8.77 8.03
C ASP A 149 -16.47 9.42 6.65
N ASP A 150 -16.22 8.67 5.59
CA ASP A 150 -16.13 9.23 4.24
C ASP A 150 -16.63 8.20 3.25
N GLU A 151 -16.61 8.57 1.96
CA GLU A 151 -17.07 7.72 0.89
C GLU A 151 -15.94 6.81 0.40
N GLN A 152 -16.30 5.85 -0.45
CA GLN A 152 -15.31 4.97 -1.08
C GLN A 152 -14.60 5.72 -2.20
N TYR A 153 -13.26 5.73 -2.15
CA TYR A 153 -12.45 6.49 -3.10
C TYR A 153 -11.44 5.59 -3.78
N ALA A 154 -11.08 5.96 -5.01
CA ALA A 154 -9.99 5.32 -5.77
C ALA A 154 -8.88 6.33 -5.97
N TRP A 155 -7.67 5.95 -5.56
CA TRP A 155 -6.45 6.71 -5.78
C TRP A 155 -5.60 5.93 -6.77
N GLU A 156 -4.87 6.64 -7.62
CA GLU A 156 -4.09 5.97 -8.65
C GLU A 156 -2.90 6.81 -9.06
N SER A 157 -1.75 6.16 -9.26
CA SER A 157 -0.60 6.86 -9.80
C SER A 157 0.34 5.91 -10.53
N SER A 158 0.78 6.33 -11.71
CA SER A 158 1.88 5.70 -12.42
C SER A 158 3.18 6.48 -12.24
N ALA A 159 3.32 7.17 -11.11
CA ALA A 159 4.44 8.08 -10.86
C ALA A 159 4.45 9.10 -12.00
N GLY A 160 5.62 9.63 -12.36
CA GLY A 160 5.65 10.69 -13.33
C GLY A 160 5.20 12.04 -12.82
N GLY A 161 5.04 12.21 -11.51
CA GLY A 161 4.75 13.49 -10.93
C GLY A 161 3.30 13.76 -10.55
N SER A 162 2.37 12.86 -10.88
CA SER A 162 0.97 13.15 -10.60
C SER A 162 0.23 11.90 -10.12
N PHE A 163 -0.93 12.14 -9.52
CA PHE A 163 -1.84 11.08 -9.10
C PHE A 163 -3.27 11.58 -9.28
N THR A 164 -4.22 10.64 -9.34
CA THR A 164 -5.63 10.97 -9.48
C THR A 164 -6.43 10.42 -8.29
N VAL A 165 -7.54 11.10 -8.00
CA VAL A 165 -8.52 10.68 -7.01
C VAL A 165 -9.90 10.82 -7.62
N ARG A 166 -10.74 9.81 -7.43
CA ARG A 166 -12.12 9.86 -7.88
C ARG A 166 -12.96 9.04 -6.92
N THR A 167 -14.27 9.33 -6.92
CA THR A 167 -15.21 8.48 -6.21
C THR A 167 -15.31 7.14 -6.94
N ASP A 168 -15.25 6.05 -6.17
CA ASP A 168 -15.24 4.71 -6.74
C ASP A 168 -16.67 4.21 -6.89
N THR A 169 -17.02 3.80 -8.10
CA THR A 169 -18.32 3.21 -8.40
C THR A 169 -18.30 1.70 -8.40
N GLY A 170 -17.16 1.07 -8.09
CA GLY A 170 -17.06 -0.38 -8.07
C GLY A 170 -17.79 -1.04 -6.91
N GLU A 171 -17.46 -2.29 -6.62
CA GLU A 171 -18.11 -3.02 -5.54
C GLU A 171 -17.86 -2.32 -4.20
N PRO A 172 -18.90 -2.15 -3.37
CA PRO A 172 -18.68 -1.54 -2.05
C PRO A 172 -17.79 -2.41 -1.17
N MET A 173 -16.86 -1.76 -0.47
CA MET A 173 -15.84 -2.46 0.32
C MET A 173 -16.22 -2.67 1.77
N GLY A 174 -17.16 -1.91 2.30
CA GLY A 174 -17.46 -1.96 3.72
C GLY A 174 -16.56 -1.04 4.53
N ARG A 175 -15.28 -1.38 4.60
CA ARG A 175 -14.26 -0.62 5.32
C ARG A 175 -12.91 -1.24 5.00
N GLY A 176 -11.92 -0.41 4.72
CA GLY A 176 -10.57 -0.90 4.58
C GLY A 176 -9.87 -0.30 3.39
N THR A 177 -8.82 -0.99 2.96
CA THR A 177 -7.95 -0.52 1.89
C THR A 177 -7.57 -1.69 1.00
N LYS A 178 -7.59 -1.45 -0.30
CA LYS A 178 -7.22 -2.42 -1.31
C LYS A 178 -6.12 -1.80 -2.18
N VAL A 179 -4.93 -2.41 -2.17
CA VAL A 179 -3.81 -1.90 -2.94
C VAL A 179 -3.58 -2.83 -4.12
N ILE A 180 -3.77 -2.32 -5.34
CA ILE A 180 -3.69 -3.10 -6.55
C ILE A 180 -2.38 -2.76 -7.25
N LEU A 181 -1.46 -3.72 -7.31
CA LEU A 181 -0.16 -3.52 -7.93
C LEU A 181 -0.24 -4.00 -9.37
N HIS A 182 -0.20 -3.05 -10.32
CA HIS A 182 -0.08 -3.41 -11.74
C HIS A 182 1.40 -3.66 -12.01
N LEU A 183 1.79 -4.92 -12.12
CA LEU A 183 3.19 -5.30 -12.06
C LEU A 183 3.92 -5.01 -13.36
N LYS A 184 5.19 -4.62 -13.24
CA LYS A 184 6.05 -4.51 -14.42
C LYS A 184 6.19 -5.88 -15.08
N GLU A 185 6.45 -5.86 -16.39
CA GLU A 185 6.43 -7.09 -17.19
C GLU A 185 7.47 -8.10 -16.71
N ASP A 186 8.57 -7.64 -16.11
CA ASP A 186 9.62 -8.57 -15.68
C ASP A 186 9.58 -8.86 -14.18
N GLN A 187 8.46 -8.56 -13.52
CA GLN A 187 8.29 -8.88 -12.10
C GLN A 187 7.12 -9.84 -11.86
N THR A 188 6.73 -10.65 -12.85
CA THR A 188 5.57 -11.51 -12.66
C THR A 188 5.84 -12.66 -11.71
N GLU A 189 7.06 -12.80 -11.20
CA GLU A 189 7.33 -13.83 -10.19
C GLU A 189 6.50 -13.63 -8.93
N TYR A 190 6.11 -12.38 -8.64
CA TYR A 190 5.28 -12.09 -7.47
C TYR A 190 3.83 -12.42 -7.70
N LEU A 191 3.49 -13.07 -8.81
CA LEU A 191 2.19 -13.68 -9.00
C LEU A 191 2.19 -15.16 -8.66
N GLU A 192 3.34 -15.76 -8.38
CA GLU A 192 3.41 -17.19 -8.10
C GLU A 192 3.20 -17.46 -6.62
N GLU A 193 2.41 -18.49 -6.34
CA GLU A 193 2.06 -18.84 -4.96
C GLU A 193 3.30 -19.19 -4.14
N ARG A 194 4.14 -20.10 -4.66
CA ARG A 194 5.31 -20.51 -3.90
C ARG A 194 6.24 -19.34 -3.61
N ARG A 195 6.24 -18.31 -4.46
CA ARG A 195 7.09 -17.15 -4.24
C ARG A 195 6.51 -16.22 -3.19
N ILE A 196 5.19 -15.97 -3.24
CA ILE A 196 4.55 -15.13 -2.22
C ILE A 196 4.63 -15.79 -0.85
N LYS A 197 4.42 -17.11 -0.78
CA LYS A 197 4.53 -17.83 0.48
C LYS A 197 5.92 -17.65 1.09
N GLU A 198 6.96 -17.74 0.27
CA GLU A 198 8.33 -17.62 0.76
C GLU A 198 8.59 -16.22 1.31
N ILE A 199 8.09 -15.19 0.62
CA ILE A 199 8.29 -13.81 1.08
C ILE A 199 7.54 -13.57 2.39
N VAL A 200 6.26 -14.00 2.46
CA VAL A 200 5.49 -13.81 3.69
C VAL A 200 6.15 -14.55 4.85
N LYS A 201 6.49 -15.82 4.65
CA LYS A 201 7.13 -16.60 5.71
C LYS A 201 8.41 -15.94 6.19
N LYS A 202 9.14 -15.28 5.30
CA LYS A 202 10.46 -14.73 5.64
C LYS A 202 10.38 -13.34 6.29
N HIS A 203 9.39 -12.51 5.93
CA HIS A 203 9.34 -11.11 6.35
C HIS A 203 8.11 -10.73 7.16
N SER A 204 7.08 -11.57 7.22
CA SER A 204 5.84 -11.18 7.87
C SER A 204 5.26 -12.33 8.69
N GLN A 205 6.12 -13.19 9.23
CA GLN A 205 5.64 -14.42 9.85
C GLN A 205 4.88 -14.16 11.14
N PHE A 206 5.07 -13.01 11.79
CA PHE A 206 4.51 -12.76 13.12
C PHE A 206 3.45 -11.66 13.11
N ILE A 207 2.87 -11.36 11.94
CA ILE A 207 1.81 -10.37 11.88
C ILE A 207 0.59 -10.89 12.65
N GLY A 208 0.05 -10.05 13.52
CA GLY A 208 -1.01 -10.49 14.41
C GLY A 208 -2.40 -10.47 13.81
N TYR A 209 -2.52 -10.73 12.52
CA TYR A 209 -3.77 -10.85 11.79
C TYR A 209 -3.66 -11.98 10.77
N PRO A 210 -4.77 -12.65 10.47
CA PRO A 210 -4.72 -13.74 9.48
C PRO A 210 -4.42 -13.22 8.08
N ILE A 211 -3.39 -13.80 7.46
CA ILE A 211 -3.00 -13.50 6.09
C ILE A 211 -3.40 -14.70 5.24
N THR A 212 -4.33 -14.50 4.32
CA THR A 212 -4.80 -15.56 3.43
C THR A 212 -4.28 -15.28 2.03
N LEU A 213 -3.51 -16.22 1.49
CA LEU A 213 -2.99 -16.09 0.13
C LEU A 213 -3.96 -16.85 -0.78
N PHE A 214 -4.64 -16.12 -1.66
CA PHE A 214 -5.58 -16.71 -2.59
C PHE A 214 -4.81 -17.40 -3.71
N VAL A 215 -5.40 -18.47 -4.24
CA VAL A 215 -4.81 -19.19 -5.35
C VAL A 215 -5.55 -18.82 -6.62
N GLU A 216 -4.84 -18.85 -7.74
CA GLU A 216 -5.44 -18.50 -9.02
C GLU A 216 -6.17 -19.68 -9.63
N LYS A 217 -7.25 -19.39 -10.34
CA LYS A 217 -8.07 -20.44 -10.96
C LYS A 217 -7.46 -20.99 -12.25
O1 A1AYG B . 0.98 7.80 -1.25
C1 A1AYG B . -1.95 4.23 0.53
C2 A1AYG B . -0.81 5.22 0.68
C3 A1AYG B . -0.12 5.29 1.88
C4 A1AYG B . 0.91 6.19 2.04
C5 A1AYG B . 1.28 7.03 1.00
C6 A1AYG B . 0.59 6.96 -0.19
C10 A1AYG B . -0.35 11.65 -1.50
C11 A1AYG B . 1.01 11.31 -1.55
C12 A1AYG B . -0.44 6.06 -0.38
C13 A1AYG B . -1.17 6.02 -1.69
C7 A1AYG B . 0.55 9.10 -1.33
C8 A1AYG B . -0.80 9.32 -1.25
C9 A1AYG B . -1.25 10.60 -1.35
N1 A1AYG B . -0.75 12.96 -1.58
N2 A1AYG B . 1.46 10.05 -1.48
#